data_2PGS
#
_entry.id   2PGS
#
_cell.length_a   103.730
_cell.length_b   103.730
_cell.length_c   159.120
_cell.angle_alpha   90.00
_cell.angle_beta   90.00
_cell.angle_gamma   120.00
#
_symmetry.space_group_name_H-M   'P 63 2 2'
#
loop_
_entity.id
_entity.type
_entity.pdbx_description
1 polymer 'Putative deoxyguanosinetriphosphate triphosphohydrolase'
2 water water
#
_entity_poly.entity_id   1
_entity_poly.type   'polypeptide(L)'
_entity_poly.pdbx_seq_one_letter_code
;(MSE)SLDWQTLLNRERLGKTLHSPEELGRSPFHKDHDRIIFSGAFRRLGRKTQVHPVSSNDHIHTRLTHSLEVSCVGRS
LG(MSE)RVGETLRAALPDWCDPSDLG(MSE)VVQSACLAHDIGNPPFGHSGEDAIRNWFNQAAGRGWLDA(MSE)SETE
RNDFLNFEGNAQGFRVLTQLEYHQFDGGTRLTYATLGTYLKYPWTARHADSLGYKKHKFGCYQSELPILEQIAGKLGLPQ
LEEQRWARHPLVYL(MSE)EAADDICYALIDLEDGLE(MSE)DLLDYAEVESLLLGLVGDDLPETYRQLGPGDSRRRKLA
ILRGKAIEHLTNAAARAFVEQQDALLAGTLPGDLVEH(MSE)HGPAKRCVLNAKD(MSE)ARKKIFQDKRKTLHEIGAYT
TLEILLNAFCGAAVEQFGGRTPSFKHRRILDLLGNSAPDPKAPLHASFLR(MSE)IDFIAG(MSE)TDSYASE(MSE)AR
E(MSE)TGRSGEGHHHHHH
;
_entity_poly.pdbx_strand_id   A
#
# COMPACT_ATOMS: atom_id res chain seq x y z
N SER A 2 2.34 -17.67 19.02
CA SER A 2 1.13 -17.32 19.83
C SER A 2 1.07 -15.81 20.04
N LEU A 3 0.20 -15.15 19.28
CA LEU A 3 0.05 -13.71 19.36
C LEU A 3 -0.36 -13.22 20.75
N ASP A 4 0.36 -12.19 21.21
CA ASP A 4 0.20 -11.59 22.53
C ASP A 4 -0.08 -10.09 22.33
N TRP A 5 -1.21 -9.59 22.85
CA TRP A 5 -1.53 -8.17 22.69
C TRP A 5 -0.53 -7.22 23.32
N GLN A 6 0.37 -7.74 24.14
CA GLN A 6 1.37 -6.91 24.79
C GLN A 6 2.62 -6.81 23.93
N THR A 7 2.88 -7.84 23.13
CA THR A 7 4.04 -7.83 22.23
C THR A 7 3.66 -7.22 20.87
N LEU A 8 2.42 -7.47 20.46
CA LEU A 8 1.89 -6.96 19.20
C LEU A 8 1.84 -5.43 19.16
N LEU A 9 1.90 -4.79 20.32
CA LEU A 9 1.86 -3.34 20.41
C LEU A 9 3.18 -2.78 20.90
N ASN A 10 4.26 -3.43 20.49
CA ASN A 10 5.61 -3.02 20.88
C ASN A 10 5.85 -1.59 20.43
N ARG A 11 6.18 -0.72 21.38
CA ARG A 11 6.42 0.67 21.09
C ARG A 11 7.87 0.99 20.74
N GLU A 12 8.72 -0.02 20.70
CA GLU A 12 10.12 0.18 20.33
C GLU A 12 10.14 0.47 18.82
N ARG A 13 11.20 1.07 18.32
CA ARG A 13 11.25 1.35 16.90
C ARG A 13 12.46 0.82 16.15
N LEU A 14 12.26 0.64 14.84
CA LEU A 14 13.27 0.12 13.93
C LEU A 14 14.52 1.00 13.95
N PRO A 28 4.22 8.46 21.15
CA PRO A 28 4.97 7.40 20.46
C PRO A 28 4.31 7.01 19.14
N PHE A 29 3.03 6.65 19.21
CA PHE A 29 2.28 6.31 17.99
C PHE A 29 1.92 7.63 17.31
N HIS A 30 1.86 8.69 18.11
CA HIS A 30 1.55 10.02 17.61
C HIS A 30 2.72 10.53 16.77
N LYS A 31 3.92 10.13 17.15
CA LYS A 31 5.12 10.51 16.43
C LYS A 31 5.20 9.72 15.13
N ASP A 32 4.68 8.49 15.12
CA ASP A 32 4.70 7.71 13.89
C ASP A 32 3.87 8.50 12.90
N HIS A 33 2.70 8.93 13.36
CA HIS A 33 1.76 9.70 12.56
C HIS A 33 2.41 10.95 11.92
N ASP A 34 3.03 11.79 12.74
CA ASP A 34 3.68 13.00 12.25
C ASP A 34 4.84 12.75 11.27
N ARG A 35 5.65 11.74 11.55
CA ARG A 35 6.77 11.47 10.64
C ARG A 35 6.26 11.09 9.27
N ILE A 36 5.11 10.43 9.22
CA ILE A 36 4.53 10.04 7.96
C ILE A 36 3.97 11.27 7.25
N ILE A 37 3.26 12.10 7.99
CA ILE A 37 2.66 13.28 7.39
C ILE A 37 3.68 14.28 6.83
N PHE A 38 4.81 14.43 7.51
CA PHE A 38 5.84 15.36 7.05
C PHE A 38 6.75 14.79 5.95
N SER A 39 6.71 13.48 5.71
CA SER A 39 7.59 12.89 4.71
C SER A 39 7.29 13.28 3.27
N GLY A 40 8.34 13.45 2.48
CA GLY A 40 8.17 13.83 1.08
C GLY A 40 7.36 12.81 0.32
N ALA A 41 7.50 11.54 0.69
CA ALA A 41 6.79 10.45 0.04
C ALA A 41 5.27 10.58 0.21
N PHE A 42 4.84 10.91 1.42
CA PHE A 42 3.43 11.11 1.72
C PHE A 42 2.90 12.33 1.00
N ARG A 43 3.61 13.45 1.13
CA ARG A 43 3.20 14.69 0.47
C ARG A 43 2.95 14.49 -1.03
N ARG A 44 3.83 13.75 -1.69
CA ARG A 44 3.67 13.49 -3.10
C ARG A 44 2.36 12.79 -3.49
N LEU A 45 1.68 12.18 -2.52
CA LEU A 45 0.41 11.51 -2.82
C LEU A 45 -0.63 12.54 -3.25
N GLY A 46 -0.40 13.79 -2.86
CA GLY A 46 -1.31 14.84 -3.25
C GLY A 46 -1.25 15.09 -4.74
N ARG A 47 -0.18 14.62 -5.39
CA ARG A 47 -0.04 14.80 -6.83
C ARG A 47 -0.01 13.44 -7.50
N LYS A 48 -0.70 12.48 -6.88
CA LYS A 48 -0.79 11.12 -7.41
C LYS A 48 -2.24 10.69 -7.37
N THR A 49 -2.74 10.27 -8.51
CA THR A 49 -4.14 9.86 -8.60
C THR A 49 -4.24 8.48 -9.24
N GLN A 50 -5.41 7.87 -9.11
CA GLN A 50 -5.66 6.60 -9.76
C GLN A 50 -5.96 7.06 -11.19
N VAL A 51 -5.93 6.15 -12.16
CA VAL A 51 -6.22 6.55 -13.53
C VAL A 51 -7.74 6.60 -13.70
N HIS A 52 -8.26 7.79 -14.01
CA HIS A 52 -9.70 8.01 -14.16
C HIS A 52 -10.14 8.20 -15.61
N PRO A 53 -11.42 7.95 -15.90
CA PRO A 53 -11.99 8.11 -17.24
C PRO A 53 -12.30 9.57 -17.60
N HIS A 61 -10.08 14.21 -6.00
CA HIS A 61 -9.92 12.90 -5.37
C HIS A 61 -8.60 12.23 -5.73
N THR A 62 -7.58 12.49 -4.91
CA THR A 62 -6.24 11.96 -5.11
C THR A 62 -5.93 10.80 -4.16
N ARG A 63 -4.76 10.22 -4.30
CA ARG A 63 -4.39 9.14 -3.41
C ARG A 63 -4.20 9.72 -2.01
N LEU A 64 -3.94 11.02 -1.91
CA LEU A 64 -3.76 11.64 -0.60
C LEU A 64 -5.11 11.79 0.13
N THR A 65 -6.14 12.28 -0.55
CA THR A 65 -7.43 12.44 0.10
C THR A 65 -8.00 11.07 0.44
N HIS A 66 -7.72 10.08 -0.41
CA HIS A 66 -8.19 8.73 -0.12
C HIS A 66 -7.48 8.29 1.18
N SER A 67 -6.16 8.41 1.22
CA SER A 67 -5.42 8.04 2.43
C SER A 67 -5.96 8.72 3.70
N LEU A 68 -6.26 10.02 3.62
CA LEU A 68 -6.79 10.73 4.78
C LEU A 68 -8.11 10.13 5.25
N GLU A 69 -9.04 9.90 4.33
CA GLU A 69 -10.34 9.33 4.66
C GLU A 69 -10.20 7.96 5.32
N VAL A 70 -9.41 7.08 4.69
CA VAL A 70 -9.17 5.76 5.24
C VAL A 70 -8.59 5.86 6.67
N SER A 71 -7.73 6.86 6.91
CA SER A 71 -7.13 7.00 8.23
C SER A 71 -8.16 7.41 9.29
N CYS A 72 -9.22 8.12 8.89
CA CYS A 72 -10.27 8.51 9.83
C CYS A 72 -11.02 7.26 10.26
N VAL A 73 -11.45 6.49 9.28
CA VAL A 73 -12.17 5.24 9.49
C VAL A 73 -11.27 4.25 10.20
N GLY A 74 -9.98 4.28 9.88
CA GLY A 74 -9.04 3.39 10.53
C GLY A 74 -8.95 3.71 12.01
N ARG A 75 -8.73 4.98 12.35
CA ARG A 75 -8.63 5.42 13.74
C ARG A 75 -9.90 5.02 14.48
N SER A 76 -11.04 5.33 13.88
CA SER A 76 -12.33 5.01 14.45
C SER A 76 -12.44 3.53 14.76
N LEU A 77 -12.03 2.68 13.81
CA LEU A 77 -12.07 1.24 14.02
C LEU A 77 -11.21 0.86 15.22
N GLY A 78 -9.99 1.39 15.25
CA GLY A 78 -9.09 1.09 16.34
C GLY A 78 -9.62 1.52 17.69
N ARG A 80 -12.87 1.92 18.59
CA ARG A 80 -14.00 1.09 18.98
C ARG A 80 -13.55 -0.23 19.55
N VAL A 81 -12.70 -0.95 18.82
CA VAL A 81 -12.23 -2.24 19.30
C VAL A 81 -11.34 -2.01 20.52
N GLY A 82 -10.67 -0.87 20.57
CA GLY A 82 -9.82 -0.56 21.70
C GLY A 82 -10.64 -0.47 22.98
N GLU A 83 -11.85 0.07 22.87
CA GLU A 83 -12.72 0.19 24.03
C GLU A 83 -13.26 -1.21 24.36
N THR A 84 -13.84 -1.86 23.37
CA THR A 84 -14.38 -3.19 23.53
C THR A 84 -13.43 -4.19 24.18
N LEU A 85 -12.15 -4.13 23.84
CA LEU A 85 -11.17 -5.06 24.39
C LEU A 85 -10.13 -4.38 25.26
N ARG A 86 -10.53 -3.38 26.04
CA ARG A 86 -9.58 -2.65 26.89
C ARG A 86 -8.79 -3.48 27.89
N ALA A 87 -9.46 -4.41 28.57
CA ALA A 87 -8.81 -5.25 29.58
C ALA A 87 -7.83 -6.26 28.99
N ALA A 88 -7.97 -6.57 27.71
CA ALA A 88 -7.08 -7.51 27.06
C ALA A 88 -5.82 -6.82 26.55
N LEU A 89 -5.84 -5.50 26.52
CA LEU A 89 -4.70 -4.73 26.03
C LEU A 89 -3.79 -4.24 27.14
N PRO A 90 -2.49 -4.04 26.84
CA PRO A 90 -1.54 -3.58 27.84
C PRO A 90 -2.18 -2.41 28.57
N ASP A 91 -2.01 -2.36 29.88
CA ASP A 91 -2.62 -1.32 30.67
C ASP A 91 -2.20 0.10 30.31
N TRP A 92 -1.18 0.23 29.47
CA TRP A 92 -0.72 1.55 29.07
C TRP A 92 -1.48 2.02 27.81
N CYS A 93 -2.07 1.08 27.08
CA CYS A 93 -2.76 1.41 25.84
C CYS A 93 -4.23 1.79 25.85
N ASP A 94 -4.51 3.09 25.87
CA ASP A 94 -5.88 3.58 25.82
C ASP A 94 -6.41 3.34 24.41
N PRO A 95 -7.73 3.31 24.23
CA PRO A 95 -8.27 3.10 22.88
C PRO A 95 -7.69 4.10 21.87
N SER A 96 -7.54 5.35 22.30
CA SER A 96 -7.01 6.40 21.44
C SER A 96 -5.59 6.08 20.97
N ASP A 97 -4.92 5.20 21.70
CA ASP A 97 -3.58 4.79 21.31
C ASP A 97 -3.71 3.72 20.24
N LEU A 98 -4.71 2.85 20.39
CA LEU A 98 -4.92 1.80 19.41
C LEU A 98 -5.38 2.42 18.09
N GLY A 99 -6.19 3.47 18.20
CA GLY A 99 -6.65 4.12 17.00
C GLY A 99 -5.48 4.76 16.26
N VAL A 101 -2.30 3.86 16.20
CA VAL A 101 -1.44 2.91 15.49
C VAL A 101 -2.06 2.56 14.14
N VAL A 102 -3.37 2.36 14.13
CA VAL A 102 -4.08 2.01 12.91
C VAL A 102 -4.15 3.21 11.96
N GLN A 103 -4.38 4.39 12.52
CA GLN A 103 -4.46 5.58 11.69
C GLN A 103 -3.13 5.80 10.96
N SER A 104 -2.02 5.57 11.67
CA SER A 104 -0.70 5.77 11.11
C SER A 104 -0.43 4.80 9.99
N ALA A 105 -0.72 3.53 10.22
CA ALA A 105 -0.53 2.50 9.21
C ALA A 105 -1.37 2.84 7.98
N CYS A 106 -2.59 3.33 8.20
CA CYS A 106 -3.49 3.74 7.11
C CYS A 106 -2.86 4.87 6.27
N LEU A 107 -2.18 5.81 6.92
CA LEU A 107 -1.56 6.91 6.19
C LEU A 107 -0.38 6.44 5.33
N ALA A 108 0.30 5.39 5.78
CA ALA A 108 1.44 4.88 5.07
C ALA A 108 1.09 3.87 3.99
N HIS A 109 -0.08 3.25 4.14
CA HIS A 109 -0.55 2.20 3.25
C HIS A 109 -0.30 2.26 1.74
N ASP A 110 -0.53 3.42 1.15
CA ASP A 110 -0.38 3.57 -0.31
C ASP A 110 0.82 4.42 -0.69
N ILE A 111 1.70 4.64 0.26
CA ILE A 111 2.86 5.48 0.05
C ILE A 111 3.87 4.96 -0.98
N GLY A 112 3.80 3.67 -1.30
CA GLY A 112 4.76 3.11 -2.24
C GLY A 112 4.35 3.02 -3.70
N ASN A 113 3.05 3.10 -4.00
CA ASN A 113 2.64 2.99 -5.40
C ASN A 113 3.22 4.08 -6.26
N PRO A 114 3.56 3.74 -7.50
CA PRO A 114 4.14 4.63 -8.50
C PRO A 114 3.11 5.52 -9.16
N PRO A 115 3.57 6.40 -10.07
CA PRO A 115 2.65 7.30 -10.78
C PRO A 115 1.58 6.40 -11.43
N PHE A 116 0.40 6.97 -11.67
CA PHE A 116 -0.72 6.27 -12.29
C PHE A 116 -1.29 5.16 -11.41
N GLY A 117 -0.93 5.21 -10.12
CA GLY A 117 -1.42 4.26 -9.14
C GLY A 117 -1.44 2.78 -9.45
N HIS A 118 -2.60 2.16 -9.26
CA HIS A 118 -2.76 0.73 -9.50
C HIS A 118 -2.43 0.35 -10.92
N SER A 119 -2.77 1.24 -11.86
CA SER A 119 -2.50 0.96 -13.26
C SER A 119 -0.98 0.99 -13.47
N GLY A 120 -0.31 1.96 -12.85
CA GLY A 120 1.13 2.04 -13.00
C GLY A 120 1.78 0.83 -12.38
N GLU A 121 1.16 0.31 -11.33
CA GLU A 121 1.66 -0.87 -10.64
C GLU A 121 1.65 -2.02 -11.62
N ASP A 122 0.52 -2.20 -12.29
CA ASP A 122 0.41 -3.28 -13.27
C ASP A 122 1.35 -3.05 -14.45
N ALA A 123 1.49 -1.80 -14.88
CA ALA A 123 2.35 -1.48 -16.01
C ALA A 123 3.80 -1.83 -15.72
N ILE A 124 4.27 -1.57 -14.51
CA ILE A 124 5.64 -1.88 -14.15
C ILE A 124 5.87 -3.38 -14.08
N ARG A 125 5.03 -4.08 -13.31
CA ARG A 125 5.12 -5.52 -13.17
C ARG A 125 5.22 -6.18 -14.54
N ASN A 126 4.29 -5.83 -15.42
CA ASN A 126 4.25 -6.38 -16.76
C ASN A 126 5.39 -5.90 -17.67
N TRP A 127 5.94 -4.72 -17.42
CA TRP A 127 7.05 -4.23 -18.23
C TRP A 127 8.25 -5.13 -17.93
N PHE A 128 8.33 -5.59 -16.69
CA PHE A 128 9.41 -6.46 -16.24
C PHE A 128 9.33 -7.87 -16.82
N ASN A 129 8.13 -8.41 -16.93
CA ASN A 129 7.98 -9.75 -17.49
C ASN A 129 8.46 -9.71 -18.94
N GLN A 130 8.42 -8.53 -19.53
CA GLN A 130 8.87 -8.37 -20.90
C GLN A 130 10.38 -8.20 -20.97
N ALA A 131 10.90 -7.20 -20.26
CA ALA A 131 12.33 -6.95 -20.23
C ALA A 131 13.07 -8.23 -19.87
N ALA A 132 12.44 -9.06 -19.05
CA ALA A 132 13.03 -10.32 -18.64
C ALA A 132 13.13 -11.23 -19.86
N GLY A 133 12.07 -11.23 -20.66
CA GLY A 133 12.05 -12.04 -21.87
C GLY A 133 12.92 -11.39 -22.92
N ARG A 134 14.04 -10.84 -22.47
CA ARG A 134 14.99 -10.18 -23.35
C ARG A 134 16.35 -10.22 -22.65
N GLY A 135 16.37 -10.84 -21.47
CA GLY A 135 17.60 -10.99 -20.72
C GLY A 135 18.09 -9.83 -19.88
N TRP A 136 17.40 -8.70 -19.91
CA TRP A 136 17.83 -7.54 -19.11
C TRP A 136 18.04 -7.93 -17.65
N LEU A 137 17.43 -9.04 -17.25
CA LEU A 137 17.55 -9.49 -15.86
C LEU A 137 18.44 -10.72 -15.65
N ASP A 138 19.13 -11.17 -16.69
CA ASP A 138 19.99 -12.36 -16.54
C ASP A 138 21.06 -12.22 -15.47
N ALA A 139 21.62 -11.02 -15.34
CA ALA A 139 22.69 -10.78 -14.35
C ALA A 139 22.18 -10.92 -12.92
N SER A 141 19.81 -13.22 -10.00
CA SER A 141 19.44 -14.59 -9.66
C SER A 141 17.96 -14.72 -10.03
N GLU A 142 17.40 -15.91 -9.92
CA GLU A 142 15.98 -16.08 -10.25
C GLU A 142 15.09 -15.51 -9.15
N THR A 143 15.57 -15.57 -7.91
CA THR A 143 14.80 -15.05 -6.80
C THR A 143 14.72 -13.53 -6.87
N GLU A 144 15.88 -12.89 -6.92
CA GLU A 144 15.92 -11.43 -6.98
C GLU A 144 15.05 -10.96 -8.15
N ARG A 145 15.08 -11.72 -9.23
CA ARG A 145 14.30 -11.40 -10.41
C ARG A 145 12.81 -11.41 -10.07
N ASN A 146 12.41 -12.31 -9.19
CA ASN A 146 11.01 -12.40 -8.78
C ASN A 146 10.50 -11.12 -8.14
N ASP A 147 11.40 -10.40 -7.46
CA ASP A 147 11.03 -9.14 -6.81
C ASP A 147 10.39 -8.16 -7.76
N PHE A 148 10.88 -8.14 -9.00
CA PHE A 148 10.39 -7.22 -10.01
C PHE A 148 9.24 -7.77 -10.82
N LEU A 149 9.26 -9.07 -11.05
CA LEU A 149 8.21 -9.72 -11.82
C LEU A 149 6.88 -9.68 -11.08
N ASN A 150 6.94 -9.55 -9.76
CA ASN A 150 5.74 -9.48 -8.94
C ASN A 150 5.61 -8.11 -8.28
N PHE A 151 6.23 -7.10 -8.87
CA PHE A 151 6.18 -5.75 -8.29
C PHE A 151 4.82 -5.37 -7.67
N GLU A 152 4.84 -5.17 -6.36
CA GLU A 152 3.64 -4.81 -5.61
C GLU A 152 3.98 -3.55 -4.82
N GLY A 153 3.05 -2.59 -4.82
CA GLY A 153 3.31 -1.37 -4.09
C GLY A 153 3.56 -1.57 -2.60
N ASN A 154 3.08 -2.67 -2.02
CA ASN A 154 3.27 -2.91 -0.59
C ASN A 154 4.75 -3.13 -0.31
N ALA A 155 5.44 -3.82 -1.22
CA ALA A 155 6.86 -4.07 -1.05
C ALA A 155 7.64 -2.75 -1.20
N GLN A 156 7.24 -1.94 -2.18
CA GLN A 156 7.91 -0.66 -2.38
C GLN A 156 7.66 0.25 -1.19
N GLY A 157 6.41 0.28 -0.72
CA GLY A 157 6.09 1.11 0.42
C GLY A 157 6.88 0.68 1.63
N PHE A 158 7.07 -0.62 1.78
CA PHE A 158 7.83 -1.11 2.93
C PHE A 158 9.27 -0.60 2.87
N ARG A 159 9.87 -0.66 1.68
CA ARG A 159 11.24 -0.18 1.49
C ARG A 159 11.32 1.34 1.75
N VAL A 160 10.33 2.07 1.26
CA VAL A 160 10.29 3.51 1.47
C VAL A 160 10.21 3.85 2.96
N LEU A 161 9.36 3.13 3.69
CA LEU A 161 9.20 3.38 5.12
C LEU A 161 10.40 3.00 5.97
N THR A 162 11.08 1.92 5.59
CA THR A 162 12.20 1.44 6.38
C THR A 162 13.60 1.73 5.85
N GLN A 163 13.71 2.05 4.56
CA GLN A 163 15.01 2.31 3.95
C GLN A 163 15.22 3.70 3.33
N LEU A 164 14.25 4.19 2.58
CA LEU A 164 14.38 5.46 1.88
C LEU A 164 14.17 6.80 2.60
N GLU A 165 13.12 6.96 3.39
CA GLU A 165 12.87 8.23 4.06
C GLU A 165 13.73 8.53 5.29
N TYR A 166 13.92 9.82 5.57
CA TYR A 166 14.69 10.29 6.74
C TYR A 166 16.08 9.68 6.89
N HIS A 167 16.20 8.72 7.80
CA HIS A 167 17.48 8.04 8.05
C HIS A 167 17.70 6.96 7.00
N GLN A 168 18.09 7.40 5.81
CA GLN A 168 18.29 6.49 4.70
C GLN A 168 19.12 5.26 5.08
N PHE A 169 18.61 4.10 4.71
CA PHE A 169 19.23 2.80 4.97
C PHE A 169 19.72 2.59 6.40
N ASP A 170 19.09 3.27 7.35
CA ASP A 170 19.45 3.13 8.76
C ASP A 170 18.19 3.29 9.61
N GLY A 171 17.14 2.55 9.24
CA GLY A 171 15.89 2.62 9.96
C GLY A 171 14.81 3.42 9.24
N GLY A 172 15.24 4.25 8.29
CA GLY A 172 14.32 5.07 7.52
C GLY A 172 13.49 5.99 8.39
N THR A 173 12.17 5.84 8.29
CA THR A 173 11.24 6.66 9.06
C THR A 173 11.32 6.31 10.55
N ARG A 174 11.99 5.20 10.86
CA ARG A 174 12.16 4.73 12.23
C ARG A 174 10.86 4.73 13.02
N LEU A 175 9.87 4.04 12.48
CA LEU A 175 8.58 3.96 13.12
C LEU A 175 8.54 2.87 14.20
N THR A 176 7.43 2.86 14.94
CA THR A 176 7.21 1.86 15.97
C THR A 176 7.05 0.50 15.31
N TYR A 177 7.42 -0.56 16.02
CA TYR A 177 7.27 -1.89 15.47
C TYR A 177 5.80 -2.21 15.22
N ALA A 178 4.93 -1.66 16.07
CA ALA A 178 3.49 -1.90 15.95
C ALA A 178 2.92 -1.28 14.66
N THR A 179 3.29 -0.03 14.38
CA THR A 179 2.81 0.60 13.17
C THR A 179 3.29 -0.20 11.96
N LEU A 180 4.56 -0.60 11.98
CA LEU A 180 5.11 -1.37 10.88
C LEU A 180 4.35 -2.68 10.74
N GLY A 181 4.15 -3.40 11.84
CA GLY A 181 3.43 -4.66 11.77
C GLY A 181 2.03 -4.45 11.20
N THR A 182 1.40 -3.33 11.59
CA THR A 182 0.07 -3.01 11.11
C THR A 182 0.07 -2.61 9.64
N TYR A 183 1.20 -2.06 9.18
CA TYR A 183 1.34 -1.63 7.79
C TYR A 183 1.44 -2.84 6.86
N LEU A 184 2.25 -3.82 7.26
CA LEU A 184 2.50 -5.04 6.49
C LEU A 184 1.34 -6.00 6.27
N LYS A 185 0.54 -5.78 5.23
CA LYS A 185 -0.56 -6.69 5.00
C LYS A 185 -0.07 -7.98 4.31
N TYR A 186 1.14 -7.95 3.77
CA TYR A 186 1.71 -9.13 3.11
C TYR A 186 3.10 -9.34 3.69
N PRO A 187 3.18 -9.74 4.98
CA PRO A 187 4.45 -9.97 5.64
C PRO A 187 5.17 -11.22 5.12
N TRP A 188 5.64 -11.14 3.88
CA TRP A 188 6.33 -12.26 3.27
C TRP A 188 7.01 -11.89 1.96
N THR A 189 7.88 -12.80 1.50
CA THR A 189 8.67 -12.67 0.28
C THR A 189 7.89 -13.03 -0.99
N ALA A 190 8.39 -12.58 -2.14
CA ALA A 190 7.73 -12.88 -3.41
C ALA A 190 7.66 -14.38 -3.68
N ARG A 191 8.48 -15.14 -2.95
CA ARG A 191 8.55 -16.59 -3.08
C ARG A 191 7.17 -17.25 -3.09
N LYS A 200 -2.38 -13.91 -7.67
CA LYS A 200 -2.73 -12.61 -7.12
C LYS A 200 -1.54 -11.63 -7.10
N HIS A 201 -0.32 -12.15 -7.13
CA HIS A 201 0.87 -11.30 -7.11
C HIS A 201 0.96 -10.39 -5.88
N LYS A 202 0.90 -10.96 -4.69
CA LYS A 202 0.96 -10.16 -3.48
C LYS A 202 2.04 -10.56 -2.48
N PHE A 203 2.87 -9.58 -2.12
CA PHE A 203 3.94 -9.75 -1.14
C PHE A 203 4.38 -8.32 -0.78
N GLY A 204 4.89 -8.12 0.43
CA GLY A 204 5.28 -6.79 0.82
C GLY A 204 6.72 -6.62 1.25
N CYS A 205 7.56 -7.58 0.89
CA CYS A 205 8.96 -7.52 1.28
C CYS A 205 9.93 -7.91 0.17
N TYR A 206 10.80 -6.97 -0.20
CA TYR A 206 11.82 -7.20 -1.23
C TYR A 206 12.91 -8.03 -0.57
N GLN A 207 13.68 -8.72 -1.41
CA GLN A 207 14.77 -9.56 -0.96
C GLN A 207 15.72 -8.72 -0.11
N SER A 208 15.78 -7.43 -0.40
CA SER A 208 16.65 -6.49 0.32
C SER A 208 16.13 -6.03 1.67
N GLU A 209 14.86 -6.28 1.95
CA GLU A 209 14.28 -5.84 3.22
C GLU A 209 14.06 -7.02 4.18
N LEU A 210 14.34 -8.23 3.69
CA LEU A 210 14.16 -9.45 4.49
C LEU A 210 14.70 -9.35 5.91
N PRO A 211 15.93 -8.88 6.08
CA PRO A 211 16.47 -8.78 7.44
C PRO A 211 15.56 -7.90 8.30
N ILE A 212 15.02 -6.85 7.70
CA ILE A 212 14.15 -5.92 8.43
C ILE A 212 12.83 -6.59 8.81
N LEU A 213 12.22 -7.29 7.87
CA LEU A 213 10.97 -8.00 8.14
C LEU A 213 11.18 -9.02 9.25
N GLU A 214 12.30 -9.74 9.21
CA GLU A 214 12.61 -10.74 10.23
C GLU A 214 12.69 -10.11 11.60
N GLN A 215 13.49 -9.04 11.71
CA GLN A 215 13.61 -8.37 13.00
C GLN A 215 12.27 -7.86 13.51
N ILE A 216 11.49 -7.24 12.63
CA ILE A 216 10.17 -6.70 13.00
C ILE A 216 9.24 -7.80 13.49
N ALA A 217 9.13 -8.87 12.69
CA ALA A 217 8.27 -10.00 13.04
C ALA A 217 8.70 -10.52 14.40
N GLY A 218 10.02 -10.60 14.59
CA GLY A 218 10.56 -11.06 15.84
C GLY A 218 10.10 -10.22 17.01
N LYS A 219 10.29 -8.91 16.92
CA LYS A 219 9.92 -7.99 17.99
C LYS A 219 8.42 -8.04 18.30
N LEU A 220 7.61 -8.37 17.30
CA LEU A 220 6.17 -8.43 17.50
C LEU A 220 5.70 -9.84 17.87
N GLY A 221 6.64 -10.78 17.87
CA GLY A 221 6.29 -12.17 18.20
C GLY A 221 5.31 -12.76 17.22
N LEU A 222 5.55 -12.58 15.93
CA LEU A 222 4.68 -13.12 14.89
C LEU A 222 5.22 -14.44 14.36
N PRO A 223 4.41 -15.50 14.42
CA PRO A 223 4.80 -16.84 13.96
C PRO A 223 5.34 -16.84 12.54
N GLN A 224 6.32 -17.71 12.28
CA GLN A 224 6.91 -17.82 10.96
C GLN A 224 6.41 -19.10 10.31
N LEU A 225 5.13 -19.10 9.96
CA LEU A 225 4.48 -20.26 9.34
C LEU A 225 5.41 -20.97 8.38
N GLU A 226 5.51 -20.43 7.17
CA GLU A 226 6.38 -20.98 6.14
C GLU A 226 7.75 -20.39 6.45
N GLU A 227 8.76 -20.71 5.64
CA GLU A 227 10.09 -20.17 5.91
C GLU A 227 10.15 -18.65 5.73
N GLN A 228 9.96 -18.17 4.51
CA GLN A 228 10.02 -16.72 4.27
C GLN A 228 8.63 -16.07 4.26
N ARG A 229 7.77 -16.57 5.15
CA ARG A 229 6.41 -16.08 5.26
C ARG A 229 5.95 -16.06 6.72
N TRP A 230 5.62 -14.89 7.24
CA TRP A 230 5.16 -14.78 8.61
C TRP A 230 3.65 -14.56 8.67
N ALA A 231 3.09 -14.64 9.87
CA ALA A 231 1.65 -14.43 10.06
C ALA A 231 1.36 -12.93 10.13
N ARG A 232 0.15 -12.54 9.74
CA ARG A 232 -0.23 -11.13 9.76
C ARG A 232 -0.47 -10.58 11.14
N HIS A 233 -0.16 -9.30 11.33
CA HIS A 233 -0.41 -8.64 12.59
C HIS A 233 -1.94 -8.45 12.53
N PRO A 234 -2.66 -8.74 13.61
CA PRO A 234 -4.13 -8.60 13.65
C PRO A 234 -4.70 -7.26 13.16
N LEU A 235 -4.07 -6.16 13.57
CA LEU A 235 -4.54 -4.83 13.20
C LEU A 235 -4.54 -4.55 11.70
N VAL A 236 -3.80 -5.36 10.93
CA VAL A 236 -3.74 -5.17 9.48
C VAL A 236 -5.17 -5.30 8.94
N TYR A 237 -5.95 -6.17 9.57
CA TYR A 237 -7.31 -6.41 9.17
C TYR A 237 -8.17 -5.17 9.30
N LEU A 238 -7.90 -4.35 10.31
CA LEU A 238 -8.65 -3.12 10.49
C LEU A 238 -8.25 -2.14 9.40
N GLU A 240 -7.05 -2.85 6.35
CA GLU A 240 -7.64 -3.35 5.12
C GLU A 240 -9.13 -2.97 5.07
N ALA A 241 -9.85 -3.29 6.13
CA ALA A 241 -11.28 -2.99 6.19
C ALA A 241 -11.56 -1.50 6.01
N ALA A 242 -10.70 -0.66 6.61
CA ALA A 242 -10.86 0.78 6.50
C ALA A 242 -10.64 1.21 5.07
N ASP A 243 -9.77 0.49 4.36
CA ASP A 243 -9.47 0.80 2.97
C ASP A 243 -10.63 0.40 2.05
N ASP A 244 -11.16 -0.81 2.15
CA ASP A 244 -12.26 -1.14 1.27
C ASP A 244 -13.56 -0.43 1.64
N ILE A 245 -13.72 -0.06 2.90
CA ILE A 245 -14.91 0.67 3.29
C ILE A 245 -14.91 2.01 2.54
N CYS A 246 -13.74 2.66 2.49
CA CYS A 246 -13.64 3.96 1.82
C CYS A 246 -13.66 3.89 0.29
N TYR A 247 -13.03 2.89 -0.29
CA TYR A 247 -13.08 2.80 -1.75
C TYR A 247 -14.52 2.55 -2.14
N ALA A 248 -15.15 1.64 -1.41
CA ALA A 248 -16.53 1.23 -1.65
C ALA A 248 -17.50 2.39 -1.70
N LEU A 249 -17.47 3.24 -0.69
CA LEU A 249 -18.41 4.35 -0.64
C LEU A 249 -17.99 5.60 -1.39
N ILE A 250 -16.72 5.98 -1.24
CA ILE A 250 -16.22 7.18 -1.88
C ILE A 250 -16.00 7.06 -3.37
N ASP A 251 -15.78 5.85 -3.86
CA ASP A 251 -15.62 5.68 -5.30
C ASP A 251 -16.97 6.00 -5.93
N LEU A 252 -18.05 5.72 -5.20
CA LEU A 252 -19.40 5.95 -5.69
C LEU A 252 -19.65 7.44 -5.77
N GLU A 253 -19.22 8.13 -4.73
CA GLU A 253 -19.37 9.56 -4.66
C GLU A 253 -18.73 10.31 -5.84
N ASP A 254 -17.46 10.07 -6.11
CA ASP A 254 -16.87 10.78 -7.25
C ASP A 254 -17.26 10.10 -8.55
N GLY A 255 -17.82 8.90 -8.45
CA GLY A 255 -18.28 8.22 -9.63
C GLY A 255 -19.51 9.02 -10.06
N LEU A 256 -20.11 9.69 -9.07
CA LEU A 256 -21.29 10.51 -9.28
C LEU A 256 -20.95 11.89 -9.84
N GLU A 257 -19.89 12.50 -9.32
CA GLU A 257 -19.50 13.82 -9.81
C GLU A 257 -18.79 13.69 -11.16
N ASP A 259 -20.41 11.82 -13.43
CA ASP A 259 -21.57 11.45 -14.23
C ASP A 259 -21.53 10.02 -14.75
N LEU A 260 -20.84 9.13 -14.04
CA LEU A 260 -20.77 7.74 -14.46
C LEU A 260 -21.74 6.89 -13.66
N LEU A 261 -22.37 7.52 -12.66
CA LEU A 261 -23.32 6.82 -11.80
C LEU A 261 -24.59 7.64 -11.62
N ASP A 262 -25.69 6.95 -11.35
CA ASP A 262 -27.00 7.57 -11.16
C ASP A 262 -27.32 7.69 -9.66
N TYR A 263 -27.80 8.87 -9.25
CA TYR A 263 -28.15 9.09 -7.84
C TYR A 263 -29.02 8.01 -7.23
N ALA A 264 -30.14 7.69 -7.90
CA ALA A 264 -31.07 6.68 -7.42
C ALA A 264 -30.39 5.35 -7.08
N GLU A 265 -29.54 4.86 -7.97
CA GLU A 265 -28.86 3.60 -7.72
C GLU A 265 -27.97 3.66 -6.49
N VAL A 266 -27.24 4.78 -6.37
CA VAL A 266 -26.34 5.00 -5.24
C VAL A 266 -27.14 5.11 -3.96
N GLU A 267 -28.15 5.97 -3.98
CA GLU A 267 -29.02 6.18 -2.83
C GLU A 267 -29.66 4.84 -2.42
N SER A 268 -30.06 4.05 -3.42
CA SER A 268 -30.68 2.74 -3.15
C SER A 268 -29.72 1.79 -2.46
N LEU A 269 -28.49 1.75 -2.96
CA LEU A 269 -27.45 0.88 -2.41
C LEU A 269 -27.20 1.24 -0.94
N LEU A 270 -27.09 2.55 -0.66
CA LEU A 270 -26.86 3.02 0.70
C LEU A 270 -28.07 2.76 1.60
N LEU A 271 -29.25 3.16 1.13
CA LEU A 271 -30.48 2.92 1.90
C LEU A 271 -30.57 1.42 2.18
N GLY A 272 -29.95 0.64 1.30
CA GLY A 272 -29.95 -0.80 1.46
C GLY A 272 -29.40 -1.26 2.79
N LEU A 273 -28.44 -0.52 3.36
CA LEU A 273 -27.88 -0.91 4.64
C LEU A 273 -28.38 -0.02 5.78
N VAL A 274 -28.72 1.23 5.47
CA VAL A 274 -29.20 2.16 6.48
C VAL A 274 -30.73 2.25 6.47
N GLY A 275 -31.31 2.47 7.64
CA GLY A 275 -32.76 2.56 7.75
C GLY A 275 -33.20 3.23 9.05
N ARG A 292 -27.16 16.30 -3.36
CA ARG A 292 -25.79 15.81 -3.25
C ARG A 292 -25.33 15.83 -1.81
N ARG A 293 -26.00 16.66 -0.99
CA ARG A 293 -25.66 16.79 0.41
C ARG A 293 -26.54 15.84 1.20
N LYS A 294 -27.61 15.40 0.57
CA LYS A 294 -28.52 14.46 1.19
C LYS A 294 -27.77 13.13 1.17
N LEU A 295 -26.83 13.03 0.24
CA LEU A 295 -26.03 11.82 0.09
C LEU A 295 -24.86 11.81 1.05
N ALA A 296 -24.23 12.96 1.23
CA ALA A 296 -23.09 13.06 2.14
C ALA A 296 -23.58 12.68 3.52
N ILE A 297 -24.85 12.95 3.80
CA ILE A 297 -25.43 12.62 5.08
C ILE A 297 -25.66 11.11 5.15
N LEU A 298 -26.11 10.53 4.04
CA LEU A 298 -26.29 9.08 3.98
C LEU A 298 -24.90 8.46 4.12
N ARG A 299 -23.97 8.95 3.31
CA ARG A 299 -22.59 8.48 3.31
C ARG A 299 -22.12 8.42 4.76
N GLY A 300 -22.39 9.49 5.49
CA GLY A 300 -22.01 9.57 6.89
C GLY A 300 -22.58 8.42 7.70
N LYS A 301 -23.86 8.12 7.50
CA LYS A 301 -24.49 7.02 8.22
C LYS A 301 -23.96 5.68 7.75
N ALA A 302 -23.80 5.52 6.44
CA ALA A 302 -23.26 4.29 5.86
C ALA A 302 -21.90 3.96 6.47
N ILE A 303 -21.05 4.98 6.60
CA ILE A 303 -19.72 4.82 7.18
C ILE A 303 -19.82 4.33 8.62
N GLU A 304 -20.72 4.93 9.40
CA GLU A 304 -20.90 4.51 10.80
C GLU A 304 -21.21 3.02 10.87
N HIS A 305 -22.25 2.62 10.15
CA HIS A 305 -22.67 1.23 10.15
C HIS A 305 -21.56 0.29 9.72
N LEU A 306 -20.88 0.64 8.63
CA LEU A 306 -19.81 -0.21 8.12
C LEU A 306 -18.66 -0.30 9.10
N THR A 307 -18.41 0.79 9.82
CA THR A 307 -17.31 0.80 10.80
C THR A 307 -17.73 -0.10 11.95
N ASN A 308 -18.98 0.07 12.39
CA ASN A 308 -19.53 -0.74 13.48
C ASN A 308 -19.45 -2.20 13.08
N ALA A 309 -19.88 -2.49 11.86
CA ALA A 309 -19.86 -3.87 11.39
C ALA A 309 -18.46 -4.45 11.35
N ALA A 310 -17.49 -3.63 10.95
CA ALA A 310 -16.12 -4.10 10.86
C ALA A 310 -15.55 -4.33 12.25
N ALA A 311 -15.86 -3.40 13.16
CA ALA A 311 -15.39 -3.53 14.54
C ALA A 311 -16.01 -4.75 15.21
N ARG A 312 -17.32 -4.95 15.01
CA ARG A 312 -18.04 -6.08 15.60
C ARG A 312 -17.85 -7.36 14.79
N ALA A 313 -16.66 -7.55 14.25
CA ALA A 313 -16.32 -8.74 13.48
C ALA A 313 -14.90 -9.06 13.88
N PHE A 314 -14.16 -8.00 14.20
CA PHE A 314 -12.79 -8.09 14.66
C PHE A 314 -12.85 -8.64 16.09
N VAL A 315 -13.80 -8.12 16.87
CA VAL A 315 -13.95 -8.58 18.26
C VAL A 315 -14.47 -10.03 18.30
N GLU A 316 -15.39 -10.35 17.39
CA GLU A 316 -15.98 -11.69 17.33
C GLU A 316 -14.97 -12.75 16.96
N GLN A 317 -13.84 -12.35 16.41
CA GLN A 317 -12.90 -13.36 15.98
C GLN A 317 -11.46 -13.25 16.40
N GLN A 318 -11.23 -12.95 17.67
CA GLN A 318 -9.87 -12.85 18.19
C GLN A 318 -9.21 -14.23 18.36
N ASP A 319 -10.02 -15.28 18.43
CA ASP A 319 -9.46 -16.62 18.59
C ASP A 319 -8.72 -17.03 17.32
N ALA A 320 -9.46 -17.04 16.21
CA ALA A 320 -8.89 -17.41 14.92
C ALA A 320 -7.97 -16.30 14.43
N LEU A 321 -7.96 -15.20 15.17
CA LEU A 321 -7.15 -14.03 14.82
C LEU A 321 -5.83 -14.01 15.57
N LEU A 322 -5.91 -13.99 16.90
CA LEU A 322 -4.74 -13.97 17.76
C LEU A 322 -3.92 -15.25 17.71
N ALA A 323 -4.41 -16.24 16.99
CA ALA A 323 -3.69 -17.50 16.90
C ALA A 323 -3.95 -18.12 15.55
N GLY A 324 -2.89 -18.35 14.79
CA GLY A 324 -3.05 -18.94 13.48
C GLY A 324 -3.60 -17.91 12.53
N THR A 325 -4.39 -18.36 11.55
CA THR A 325 -4.95 -17.44 10.58
C THR A 325 -6.46 -17.49 10.46
N LEU A 326 -7.02 -16.37 10.01
CA LEU A 326 -8.44 -16.20 9.81
C LEU A 326 -8.71 -16.23 8.31
N PRO A 327 -9.80 -16.90 7.90
CA PRO A 327 -10.23 -17.04 6.51
C PRO A 327 -10.39 -15.76 5.70
N GLY A 328 -9.31 -15.34 5.04
CA GLY A 328 -9.36 -14.16 4.21
C GLY A 328 -9.34 -12.81 4.90
N ASP A 329 -10.26 -11.95 4.49
CA ASP A 329 -10.36 -10.59 5.03
C ASP A 329 -11.61 -10.32 5.84
N LEU A 330 -11.51 -9.34 6.73
CA LEU A 330 -12.57 -8.92 7.64
C LEU A 330 -13.97 -8.72 7.04
N VAL A 331 -14.05 -8.19 5.83
CA VAL A 331 -15.33 -7.94 5.19
C VAL A 331 -16.17 -9.21 5.03
N GLU A 332 -15.53 -10.32 4.69
CA GLU A 332 -16.25 -11.57 4.53
C GLU A 332 -16.96 -11.97 5.82
N HIS A 333 -16.36 -11.59 6.95
CA HIS A 333 -16.91 -11.93 8.26
C HIS A 333 -17.80 -10.83 8.82
N HIS A 335 -21.54 -8.92 8.94
CA HIS A 335 -22.92 -9.38 8.85
C HIS A 335 -23.53 -9.07 7.46
N GLY A 336 -24.54 -9.87 7.10
CA GLY A 336 -25.22 -9.76 5.83
C GLY A 336 -25.33 -8.46 5.04
N PRO A 337 -26.13 -7.49 5.50
CA PRO A 337 -26.28 -6.20 4.79
C PRO A 337 -25.03 -5.34 4.69
N ALA A 338 -24.12 -5.48 5.64
CA ALA A 338 -22.89 -4.71 5.60
C ALA A 338 -21.99 -5.41 4.55
N LYS A 339 -21.77 -6.70 4.73
CA LYS A 339 -20.95 -7.47 3.82
C LYS A 339 -21.38 -7.31 2.36
N ARG A 340 -22.68 -7.12 2.13
CA ARG A 340 -23.20 -6.97 0.78
C ARG A 340 -23.12 -5.53 0.25
N CYS A 341 -23.25 -4.54 1.14
CA CYS A 341 -23.16 -3.15 0.71
C CYS A 341 -21.78 -2.89 0.11
N VAL A 342 -20.75 -3.50 0.71
CA VAL A 342 -19.38 -3.33 0.24
C VAL A 342 -19.22 -4.01 -1.12
N LEU A 343 -19.61 -5.29 -1.17
CA LEU A 343 -19.53 -6.07 -2.40
C LEU A 343 -20.24 -5.38 -3.56
N ASN A 344 -21.50 -5.02 -3.35
CA ASN A 344 -22.28 -4.39 -4.40
C ASN A 344 -21.76 -3.03 -4.82
N ALA A 345 -21.29 -2.23 -3.86
CA ALA A 345 -20.76 -0.92 -4.17
C ALA A 345 -19.53 -1.06 -5.07
N LYS A 346 -18.64 -1.99 -4.71
CA LYS A 346 -17.44 -2.23 -5.50
C LYS A 346 -17.79 -2.74 -6.88
N ASP A 347 -18.66 -3.75 -6.94
CA ASP A 347 -19.06 -4.32 -8.22
C ASP A 347 -19.58 -3.21 -9.14
N ALA A 349 -18.77 0.04 -9.10
CA ALA A 349 -17.67 0.90 -9.51
C ALA A 349 -16.94 0.28 -10.71
N ARG A 350 -16.64 -1.01 -10.61
CA ARG A 350 -15.95 -1.71 -11.68
C ARG A 350 -16.69 -1.57 -13.00
N LYS A 351 -17.94 -2.02 -13.01
CA LYS A 351 -18.77 -1.97 -14.21
C LYS A 351 -18.85 -0.60 -14.84
N LYS A 352 -19.31 0.38 -14.08
CA LYS A 352 -19.50 1.72 -14.59
C LYS A 352 -18.32 2.68 -14.56
N ILE A 353 -17.30 2.40 -13.74
CA ILE A 353 -16.15 3.30 -13.67
C ILE A 353 -14.90 2.62 -14.23
N PHE A 354 -14.49 1.54 -13.58
CA PHE A 354 -13.30 0.82 -13.98
C PHE A 354 -13.32 0.36 -15.44
N GLN A 355 -14.48 -0.08 -15.91
CA GLN A 355 -14.66 -0.59 -17.26
C GLN A 355 -14.77 0.47 -18.36
N ASP A 356 -15.01 1.71 -17.97
CA ASP A 356 -15.13 2.80 -18.94
C ASP A 356 -13.92 2.77 -19.87
N LYS A 357 -14.17 2.93 -21.15
CA LYS A 357 -13.11 2.89 -22.16
C LYS A 357 -12.18 4.10 -22.16
N ARG A 358 -12.62 5.22 -21.60
CA ARG A 358 -11.74 6.39 -21.54
C ARG A 358 -10.62 6.01 -20.57
N LYS A 359 -10.99 5.34 -19.48
CA LYS A 359 -10.00 4.93 -18.49
C LYS A 359 -8.99 4.00 -19.16
N THR A 360 -9.51 3.04 -19.92
CA THR A 360 -8.67 2.07 -20.63
C THR A 360 -7.62 2.81 -21.44
N LEU A 361 -8.06 3.74 -22.28
CA LEU A 361 -7.15 4.49 -23.13
C LEU A 361 -6.13 5.30 -22.34
N HIS A 362 -6.49 5.77 -21.15
CA HIS A 362 -5.56 6.54 -20.35
C HIS A 362 -4.54 5.60 -19.75
N GLU A 363 -4.98 4.38 -19.47
CA GLU A 363 -4.10 3.37 -18.89
C GLU A 363 -3.05 2.99 -19.92
N ILE A 364 -3.38 3.10 -21.20
CA ILE A 364 -2.43 2.76 -22.24
C ILE A 364 -1.37 3.86 -22.26
N GLY A 365 -1.82 5.11 -22.15
CA GLY A 365 -0.89 6.21 -22.15
C GLY A 365 0.06 6.10 -20.96
N ALA A 366 -0.50 5.71 -19.82
CA ALA A 366 0.29 5.54 -18.59
C ALA A 366 1.36 4.48 -18.78
N TYR A 367 0.95 3.36 -19.36
CA TYR A 367 1.86 2.24 -19.62
C TYR A 367 3.05 2.75 -20.44
N THR A 368 2.75 3.41 -21.53
CA THR A 368 3.78 3.94 -22.42
C THR A 368 4.73 4.92 -21.73
N THR A 369 4.17 5.79 -20.89
CA THR A 369 4.99 6.75 -20.17
C THR A 369 5.96 6.01 -19.25
N LEU A 370 5.48 4.94 -18.62
CA LEU A 370 6.30 4.17 -17.72
C LEU A 370 7.38 3.39 -18.45
N GLU A 371 7.04 2.68 -19.51
CA GLU A 371 8.05 1.93 -20.25
C GLU A 371 9.16 2.85 -20.74
N ILE A 372 8.79 4.03 -21.22
CA ILE A 372 9.78 5.00 -21.68
C ILE A 372 10.76 5.26 -20.53
N LEU A 373 10.20 5.36 -19.32
CA LEU A 373 11.03 5.62 -18.16
C LEU A 373 11.86 4.42 -17.77
N LEU A 374 11.22 3.26 -17.70
CA LEU A 374 11.92 2.04 -17.33
C LEU A 374 13.03 1.75 -18.34
N ASN A 375 12.68 1.78 -19.62
CA ASN A 375 13.66 1.54 -20.68
C ASN A 375 14.90 2.40 -20.47
N ALA A 376 14.69 3.67 -20.16
CA ALA A 376 15.79 4.60 -19.96
C ALA A 376 16.65 4.29 -18.75
N PHE A 377 16.04 4.32 -17.57
CA PHE A 377 16.79 4.08 -16.34
C PHE A 377 17.28 2.66 -16.13
N CYS A 378 16.43 1.68 -16.37
CA CYS A 378 16.86 0.30 -16.21
C CYS A 378 17.87 0.01 -17.31
N GLY A 379 17.64 0.57 -18.49
CA GLY A 379 18.56 0.37 -19.60
C GLY A 379 19.93 0.85 -19.17
N ALA A 380 19.96 2.00 -18.52
CA ALA A 380 21.22 2.57 -18.04
C ALA A 380 21.83 1.71 -16.96
N ALA A 381 20.98 1.09 -16.13
CA ALA A 381 21.44 0.22 -15.05
C ALA A 381 22.19 -0.99 -15.64
N VAL A 382 21.64 -1.53 -16.71
CA VAL A 382 22.20 -2.68 -17.39
C VAL A 382 23.50 -2.33 -18.13
N GLU A 383 23.52 -1.18 -18.78
CA GLU A 383 24.68 -0.71 -19.52
C GLU A 383 25.93 -0.56 -18.67
N GLN A 384 25.77 -0.11 -17.43
CA GLN A 384 26.94 0.08 -16.57
C GLN A 384 27.20 -1.06 -15.61
N PHE A 385 26.40 -2.12 -15.70
CA PHE A 385 26.58 -3.24 -14.80
C PHE A 385 27.94 -3.92 -14.93
N GLY A 386 28.53 -4.25 -13.79
CA GLY A 386 29.83 -4.92 -13.78
C GLY A 386 30.98 -4.04 -14.19
N GLY A 387 30.78 -2.73 -14.13
CA GLY A 387 31.84 -1.83 -14.51
C GLY A 387 31.92 -1.53 -16.00
N ARG A 388 30.86 -1.87 -16.74
CA ARG A 388 30.85 -1.58 -18.17
C ARG A 388 30.70 -0.08 -18.37
N THR A 389 31.35 0.45 -19.40
CA THR A 389 31.26 1.87 -19.69
C THR A 389 29.97 2.11 -20.48
N PRO A 390 28.99 2.78 -19.86
CA PRO A 390 27.71 3.06 -20.52
C PRO A 390 27.90 3.93 -21.75
N SER A 391 27.27 3.77 -22.64
CA SER A 391 27.39 4.59 -23.83
C SER A 391 26.79 5.96 -23.53
N PHE A 392 27.19 6.96 -24.30
CA PHE A 392 26.68 8.31 -24.13
C PHE A 392 25.15 8.18 -24.13
N LYS A 393 24.47 9.21 -23.63
CA LYS A 393 23.00 9.22 -23.53
C LYS A 393 22.59 8.54 -22.24
N HIS A 394 23.19 7.30 -22.00
CA HIS A 394 22.88 6.65 -20.74
C HIS A 394 23.65 7.28 -19.60
N ARG A 395 24.81 7.86 -19.90
CA ARG A 395 25.61 8.52 -18.89
C ARG A 395 24.77 9.67 -18.37
N ARG A 396 24.16 10.40 -19.29
CA ARG A 396 23.33 11.54 -18.91
C ARG A 396 22.10 11.14 -18.12
N ILE A 397 21.55 9.97 -18.44
CA ILE A 397 20.38 9.48 -17.72
C ILE A 397 20.83 9.17 -16.29
N LEU A 398 22.05 8.65 -16.15
CA LEU A 398 22.61 8.32 -14.84
C LEU A 398 22.93 9.59 -14.05
N ASP A 399 23.25 10.67 -14.77
CA ASP A 399 23.58 11.94 -14.15
C ASP A 399 22.37 12.56 -13.49
N LEU A 400 21.19 12.28 -14.03
CA LEU A 400 19.96 12.83 -13.48
C LEU A 400 19.79 12.53 -11.99
N LEU A 401 20.38 11.42 -11.55
CA LEU A 401 20.29 11.02 -10.16
C LEU A 401 21.52 11.51 -9.40
N GLY A 402 22.59 11.77 -10.15
CA GLY A 402 23.83 12.24 -9.55
C GLY A 402 24.24 11.49 -8.29
N ASN A 403 23.68 11.89 -7.16
CA ASN A 403 23.96 11.29 -5.86
C ASN A 403 23.15 10.02 -5.62
N SER A 404 22.00 9.94 -6.27
CA SER A 404 21.13 8.79 -6.10
C SER A 404 21.44 7.66 -7.08
N ALA A 405 22.31 7.95 -8.06
CA ALA A 405 22.68 6.96 -9.06
C ALA A 405 23.23 5.69 -8.41
N PRO A 406 22.98 4.52 -9.04
CA PRO A 406 23.47 3.25 -8.50
C PRO A 406 24.94 3.04 -8.83
N ASP A 407 25.69 2.53 -7.87
CA ASP A 407 27.12 2.25 -8.03
C ASP A 407 27.32 1.18 -9.09
N PRO A 408 28.21 1.43 -10.07
CA PRO A 408 28.53 0.51 -11.18
C PRO A 408 28.95 -0.90 -10.78
N LYS A 409 29.53 -1.02 -9.58
CA LYS A 409 30.00 -2.32 -9.10
C LYS A 409 28.98 -3.02 -8.24
N ALA A 410 27.81 -2.41 -8.09
CA ALA A 410 26.73 -2.99 -7.30
C ALA A 410 26.01 -4.06 -8.09
N PRO A 411 25.50 -5.10 -7.41
CA PRO A 411 24.78 -6.17 -8.10
C PRO A 411 23.59 -5.55 -8.82
N LEU A 412 23.13 -6.19 -9.90
CA LEU A 412 22.01 -5.67 -10.67
C LEU A 412 20.73 -5.42 -9.86
N HIS A 413 20.38 -6.34 -8.96
CA HIS A 413 19.17 -6.19 -8.15
C HIS A 413 19.26 -4.91 -7.33
N ALA A 414 20.43 -4.64 -6.76
CA ALA A 414 20.62 -3.44 -5.95
C ALA A 414 20.40 -2.17 -6.78
N SER A 415 20.95 -2.15 -7.99
CA SER A 415 20.83 -0.98 -8.85
C SER A 415 19.45 -0.81 -9.47
N PHE A 416 18.78 -1.92 -9.80
CA PHE A 416 17.45 -1.82 -10.36
C PHE A 416 16.49 -1.25 -9.32
N LEU A 417 16.72 -1.63 -8.07
CA LEU A 417 15.92 -1.18 -6.94
C LEU A 417 16.04 0.33 -6.87
N ARG A 418 17.24 0.85 -7.13
CA ARG A 418 17.47 2.28 -7.10
C ARG A 418 16.70 2.96 -8.22
N ILE A 420 13.86 1.83 -9.57
CA ILE A 420 12.46 1.74 -9.22
C ILE A 420 12.15 2.74 -8.09
N ASP A 421 13.06 2.90 -7.14
CA ASP A 421 12.85 3.85 -6.05
C ASP A 421 12.53 5.21 -6.65
N PHE A 422 13.35 5.60 -7.61
CA PHE A 422 13.24 6.88 -8.29
C PHE A 422 11.94 7.02 -9.06
N ILE A 423 11.69 6.09 -9.97
CA ILE A 423 10.48 6.13 -10.78
C ILE A 423 9.20 6.04 -9.93
N ALA A 424 9.14 5.08 -9.02
CA ALA A 424 7.97 4.90 -8.17
C ALA A 424 7.67 6.12 -7.29
N GLY A 425 8.70 6.87 -6.96
CA GLY A 425 8.50 8.05 -6.13
C GLY A 425 7.99 9.26 -6.91
N THR A 427 5.69 11.90 -9.08
CA THR A 427 4.30 12.33 -9.08
C THR A 427 3.86 11.98 -10.50
N ASP A 428 2.56 11.86 -10.73
CA ASP A 428 2.08 11.54 -12.07
C ASP A 428 2.58 12.53 -13.12
N SER A 429 2.42 13.83 -12.88
CA SER A 429 2.80 14.82 -13.86
C SER A 429 4.30 14.88 -14.07
N TYR A 430 5.08 14.66 -13.02
CA TYR A 430 6.51 14.70 -13.20
C TYR A 430 6.92 13.54 -14.09
N ALA A 431 6.31 12.37 -13.89
CA ALA A 431 6.64 11.23 -14.73
C ALA A 431 6.35 11.55 -16.20
N SER A 432 5.11 11.94 -16.52
CA SER A 432 4.75 12.28 -17.90
C SER A 432 5.68 13.33 -18.47
N GLU A 433 5.96 14.34 -17.65
CA GLU A 433 6.86 15.44 -18.00
C GLU A 433 8.21 14.94 -18.51
N ALA A 435 9.13 11.90 -19.29
CA ALA A 435 9.07 10.96 -20.40
C ALA A 435 9.06 11.78 -21.67
N ARG A 436 8.27 12.85 -21.63
CA ARG A 436 8.11 13.78 -22.74
C ARG A 436 9.43 14.44 -23.13
N GLU A 437 9.95 15.30 -22.24
CA GLU A 437 11.19 16.01 -22.48
C GLU A 437 12.35 15.05 -22.67
#